data_4PFZ
#
_entry.id   4PFZ
#
_cell.length_a   137.000
_cell.length_b   53.740
_cell.length_c   69.750
_cell.angle_alpha   90.00
_cell.angle_beta   107.76
_cell.angle_gamma   90.00
#
_symmetry.space_group_name_H-M   'C 1 2 1'
#
loop_
_entity.id
_entity.type
_entity.pdbx_description
1 polymer '5-carboxymethyl-2-hydroxymuconate delta-isomerase'
2 non-polymer 'SODIUM ION'
3 water water
#
_entity_poly.entity_id   1
_entity_poly.type   'polypeptide(L)'
_entity_poly.pdbx_seq_one_letter_code
;MRLGRIASPDGVAFVSIEGDGPDAVCKEIAEHPFGNPNFTGRSWPLADVRLLAPILASKVIAVGKNYAAHAEEMGGVAPE
DPVIFLKPNTAIIGPNVPIQLPADADPVHHEGELAIVIGRPCKDVPAARAAEFILGYTIGNDVSARDQQRKDGQWMRAKG
HDTFCPLGPWIVTDLDPSDVELRTEVNGQVRQRSRTSLLLHDIGRLVEWTSAVMTLLPGDVILTGTPEGVGPIEDGDTVS
ITVEGIGTLTNPVVRKGKK
;
_entity_poly.pdbx_strand_id   A,B
#
loop_
_chem_comp.id
_chem_comp.type
_chem_comp.name
_chem_comp.formula
NA non-polymer 'SODIUM ION' 'Na 1'
#
# COMPACT_ATOMS: atom_id res chain seq x y z
N MET A 1 -6.37 7.80 27.66
CA MET A 1 -5.36 6.76 27.53
C MET A 1 -4.44 7.05 26.33
N ARG A 2 -3.15 6.85 26.54
CA ARG A 2 -2.15 6.96 25.48
C ARG A 2 -1.56 5.59 25.21
N LEU A 3 -1.68 5.13 23.97
CA LEU A 3 -1.22 3.81 23.58
C LEU A 3 0.01 3.92 22.68
N GLY A 4 1.07 3.21 23.03
CA GLY A 4 2.23 3.26 22.16
C GLY A 4 2.88 1.91 21.99
N ARG A 5 4.02 1.96 21.33
CA ARG A 5 4.88 0.81 21.15
C ARG A 5 6.24 1.22 21.63
N ILE A 6 6.90 0.35 22.39
CA ILE A 6 8.21 0.70 22.90
C ILE A 6 9.20 -0.42 22.64
N ALA A 7 10.46 -0.05 22.47
CA ALA A 7 11.54 -1.03 22.49
C ALA A 7 12.13 -1.03 23.89
N SER A 8 12.07 -2.19 24.52
CA SER A 8 12.55 -2.35 25.89
C SER A 8 13.67 -3.39 25.92
N PRO A 9 14.38 -3.49 27.04
CA PRO A 9 15.33 -4.59 27.22
C PRO A 9 14.70 -5.98 27.05
N ASP A 10 13.38 -6.09 27.19
CA ASP A 10 12.69 -7.38 27.12
C ASP A 10 12.08 -7.62 25.74
N GLY A 11 12.28 -6.67 24.83
CA GLY A 11 11.74 -6.75 23.49
C GLY A 11 10.79 -5.61 23.17
N VAL A 12 9.90 -5.83 22.21
CA VAL A 12 8.92 -4.81 21.81
C VAL A 12 7.57 -5.07 22.49
N ALA A 13 6.90 -4.02 22.95
CA ALA A 13 5.63 -4.21 23.63
C ALA A 13 4.68 -3.08 23.31
N PHE A 14 3.39 -3.38 23.27
CA PHE A 14 2.38 -2.33 23.29
C PHE A 14 2.18 -1.90 24.72
N VAL A 15 2.02 -0.61 24.93
CA VAL A 15 1.95 -0.11 26.29
C VAL A 15 0.93 1.00 26.41
N SER A 16 0.42 1.16 27.63
CA SER A 16 -0.28 2.37 28.02
C SER A 16 0.75 3.28 28.69
N ILE A 17 0.84 4.52 28.23
CA ILE A 17 1.82 5.43 28.82
C ILE A 17 1.15 6.32 29.86
N GLU A 18 1.73 6.32 31.06
CA GLU A 18 1.16 7.04 32.20
C GLU A 18 2.13 8.04 32.81
N GLY A 19 1.69 9.29 32.94
CA GLY A 19 2.49 10.31 33.60
C GLY A 19 3.17 11.21 32.59
N ASP A 20 3.56 12.41 33.01
CA ASP A 20 4.19 13.33 32.07
C ASP A 20 5.59 13.72 32.52
N GLY A 21 5.88 13.53 33.81
CA GLY A 21 7.18 13.88 34.35
C GLY A 21 8.28 12.90 34.01
N PRO A 22 9.39 12.97 34.75
CA PRO A 22 10.53 12.06 34.52
C PRO A 22 10.26 10.62 34.94
N ASP A 23 9.27 10.40 35.80
CA ASP A 23 8.98 9.04 36.26
C ASP A 23 7.76 8.45 35.55
N ALA A 24 7.56 8.87 34.31
CA ALA A 24 6.50 8.29 33.48
C ALA A 24 6.72 6.79 33.37
N VAL A 25 5.61 6.03 33.29
CA VAL A 25 5.69 4.57 33.25
C VAL A 25 4.91 4.01 32.06
N CYS A 26 5.46 2.97 31.47
CA CYS A 26 4.80 2.27 30.38
C CYS A 26 4.23 0.95 30.87
N LYS A 27 2.91 0.77 30.76
CA LYS A 27 2.30 -0.46 31.26
C LYS A 27 1.98 -1.41 30.10
N GLU A 28 2.58 -2.59 30.15
CA GLU A 28 2.48 -3.54 29.05
C GLU A 28 1.04 -4.00 28.85
N ILE A 29 0.61 -3.91 27.58
CA ILE A 29 -0.67 -4.45 27.10
C ILE A 29 -0.41 -5.73 26.30
N ALA A 30 -1.16 -6.77 26.61
CA ALA A 30 -0.99 -8.08 25.98
C ALA A 30 -1.25 -8.10 24.47
N GLU A 31 -0.22 -8.46 23.71
CA GLU A 31 -0.29 -8.78 22.26
C GLU A 31 -0.59 -7.62 21.28
N HIS A 32 -1.65 -6.86 21.50
CA HIS A 32 -2.05 -5.82 20.55
C HIS A 32 -2.82 -4.72 21.29
N PRO A 33 -3.08 -3.57 20.63
CA PRO A 33 -3.75 -2.50 21.39
C PRO A 33 -5.26 -2.35 21.17
N PHE A 34 -5.95 -3.38 20.66
CA PHE A 34 -7.24 -3.14 20.01
C PHE A 34 -8.53 -3.29 20.82
N GLY A 35 -8.75 -4.41 21.50
CA GLY A 35 -10.03 -4.60 22.16
C GLY A 35 -10.13 -3.80 23.44
N ASN A 36 -10.70 -4.41 24.46
CA ASN A 36 -10.49 -3.93 25.82
C ASN A 36 -9.09 -4.37 26.23
N PRO A 37 -8.20 -3.40 26.52
CA PRO A 37 -6.80 -3.74 26.77
C PRO A 37 -6.61 -4.67 27.96
N ASN A 38 -5.74 -5.66 27.78
CA ASN A 38 -5.37 -6.60 28.85
C ASN A 38 -3.97 -6.31 29.35
N PHE A 39 -3.86 -5.87 30.61
CA PHE A 39 -2.55 -5.53 31.17
C PHE A 39 -1.87 -6.76 31.79
N THR A 40 -0.62 -7.00 31.40
CA THR A 40 0.12 -8.18 31.88
C THR A 40 0.56 -7.99 33.31
N GLY A 41 0.74 -6.73 33.71
CA GLY A 41 1.25 -6.41 35.03
C GLY A 41 2.70 -5.98 34.98
N ARG A 42 3.34 -6.20 33.84
CA ARG A 42 4.71 -5.76 33.59
C ARG A 42 4.73 -4.29 33.18
N SER A 43 5.75 -3.57 33.61
CA SER A 43 5.89 -2.18 33.20
C SER A 43 7.36 -1.73 33.21
N TRP A 44 7.63 -0.62 32.53
CA TRP A 44 8.95 -0.04 32.49
C TRP A 44 8.84 1.48 32.65
N PRO A 45 9.83 2.11 33.30
CA PRO A 45 9.83 3.57 33.18
C PRO A 45 10.04 3.98 31.72
N LEU A 46 9.36 5.03 31.29
CA LEU A 46 9.53 5.57 29.94
C LEU A 46 11.00 5.93 29.67
N ALA A 47 11.71 6.38 30.70
CA ALA A 47 13.11 6.76 30.58
C ALA A 47 14.01 5.57 30.21
N ASP A 48 13.53 4.36 30.49
CA ASP A 48 14.34 3.15 30.29
C ASP A 48 14.11 2.52 28.91
N VAL A 49 13.12 3.02 28.19
CA VAL A 49 12.74 2.44 26.91
C VAL A 49 12.73 3.48 25.80
N ARG A 50 12.36 3.04 24.61
CA ARG A 50 12.29 3.94 23.45
C ARG A 50 10.97 3.81 22.74
N LEU A 51 10.27 4.93 22.56
CA LEU A 51 9.04 4.94 21.79
C LEU A 51 9.31 4.64 20.33
N LEU A 52 8.52 3.74 19.79
CA LEU A 52 8.56 3.38 18.38
C LEU A 52 7.32 3.95 17.70
N ALA A 53 7.20 3.75 16.39
CA ALA A 53 5.95 4.02 15.70
C ALA A 53 4.86 3.26 16.47
N PRO A 54 3.73 3.91 16.78
CA PRO A 54 2.79 3.33 17.73
C PRO A 54 1.96 2.18 17.18
N ILE A 55 2.06 1.90 15.89
CA ILE A 55 1.20 0.89 15.29
C ILE A 55 1.87 0.32 14.06
N LEU A 56 1.66 -0.97 13.81
CA LEU A 56 2.17 -1.60 12.58
C LEU A 56 1.08 -1.62 11.50
N ALA A 57 0.90 -0.51 10.78
CA ALA A 57 -0.20 -0.40 9.83
C ALA A 57 0.00 -1.29 8.61
N SER A 58 -1.04 -2.02 8.24
CA SER A 58 -0.99 -2.78 6.99
C SER A 58 -0.96 -1.83 5.81
N LYS A 59 -1.61 -0.69 5.96
CA LYS A 59 -1.55 0.33 4.93
C LYS A 59 -1.79 1.71 5.51
N VAL A 60 -1.36 2.69 4.74
CA VAL A 60 -1.48 4.08 5.11
C VAL A 60 -2.19 4.83 3.99
N ILE A 61 -3.38 5.34 4.28
CA ILE A 61 -4.13 6.14 3.34
C ILE A 61 -3.95 7.61 3.67
N ALA A 62 -3.92 8.46 2.65
CA ALA A 62 -3.75 9.88 2.92
C ALA A 62 -4.56 10.70 1.94
N VAL A 63 -4.87 11.92 2.34
CA VAL A 63 -5.59 12.84 1.47
C VAL A 63 -4.68 14.03 1.17
N GLY A 64 -4.94 14.71 0.07
CA GLY A 64 -4.12 15.84 -0.34
C GLY A 64 -4.53 17.17 0.27
N LYS A 65 -5.53 17.78 -0.35
CA LYS A 65 -6.01 19.10 0.08
C LYS A 65 -7.19 18.95 1.03
N ASN A 66 -7.04 19.47 2.26
CA ASN A 66 -8.11 19.27 3.23
C ASN A 66 -8.25 20.30 4.35
N TYR A 67 -7.70 21.49 4.18
CA TYR A 67 -7.92 22.56 5.14
C TYR A 67 -8.43 23.79 4.42
N ALA A 68 -9.41 24.44 5.04
CA ALA A 68 -9.87 25.75 4.58
C ALA A 68 -8.90 26.84 5.00
N ALA A 69 -8.93 27.98 4.29
CA ALA A 69 -8.01 29.09 4.53
C ALA A 69 -8.05 29.61 5.95
N HIS A 70 -9.25 29.93 6.44
CA HIS A 70 -9.41 30.43 7.81
C HIS A 70 -10.79 30.10 8.36
N VAL A 77 -15.81 28.33 -1.36
CA VAL A 77 -16.09 27.31 -2.37
C VAL A 77 -16.41 25.96 -1.71
N ALA A 78 -17.20 25.14 -2.40
CA ALA A 78 -17.53 23.81 -1.92
C ALA A 78 -16.39 22.86 -2.26
N PRO A 79 -16.04 21.97 -1.32
CA PRO A 79 -14.86 21.19 -1.63
C PRO A 79 -15.17 20.11 -2.68
N GLU A 80 -14.19 19.79 -3.51
CA GLU A 80 -14.29 18.65 -4.41
C GLU A 80 -14.20 17.37 -3.56
N ASP A 81 -14.66 16.24 -4.10
CA ASP A 81 -14.65 14.97 -3.39
C ASP A 81 -13.23 14.62 -2.95
N PRO A 82 -13.10 13.84 -1.85
CA PRO A 82 -11.75 13.51 -1.39
C PRO A 82 -10.92 12.84 -2.47
N VAL A 83 -9.62 13.15 -2.48
CA VAL A 83 -8.64 12.46 -3.31
C VAL A 83 -7.67 11.69 -2.44
N ILE A 84 -7.90 10.39 -2.31
CA ILE A 84 -7.03 9.57 -1.48
C ILE A 84 -5.95 8.88 -2.30
N PHE A 85 -4.87 8.54 -1.61
CA PHE A 85 -3.75 7.80 -2.17
C PHE A 85 -3.09 6.99 -1.06
N LEU A 86 -2.09 6.21 -1.43
CA LEU A 86 -1.43 5.32 -0.48
C LEU A 86 0.02 5.70 -0.26
N LYS A 87 0.47 5.49 0.97
CA LYS A 87 1.91 5.48 1.25
C LYS A 87 2.22 4.07 1.70
N PRO A 88 3.36 3.50 1.26
CA PRO A 88 3.68 2.11 1.64
C PRO A 88 4.01 2.07 3.12
N ASN A 89 3.71 0.99 3.83
CA ASN A 89 4.02 0.99 5.27
C ASN A 89 5.52 0.91 5.55
N THR A 90 6.31 0.72 4.49
CA THR A 90 7.77 0.75 4.61
C THR A 90 8.34 2.17 4.79
N ALA A 91 7.46 3.16 4.64
CA ALA A 91 7.82 4.57 4.82
C ALA A 91 7.70 4.99 6.27
N ILE A 92 7.01 4.18 7.07
CA ILE A 92 6.76 4.54 8.47
C ILE A 92 8.04 4.50 9.27
N ILE A 93 8.26 5.55 10.07
CA ILE A 93 9.28 5.55 11.12
C ILE A 93 8.64 6.16 12.36
N GLY A 94 9.25 5.96 13.52
CA GLY A 94 8.72 6.44 14.78
C GLY A 94 9.35 7.76 15.17
N PRO A 95 9.01 8.25 16.38
CA PRO A 95 9.64 9.48 16.89
C PRO A 95 11.15 9.41 16.88
N ASN A 96 11.81 10.54 16.60
CA ASN A 96 13.26 10.73 16.74
C ASN A 96 14.13 10.00 15.73
N VAL A 97 13.51 9.21 14.86
CA VAL A 97 14.22 8.56 13.77
C VAL A 97 14.45 9.57 12.63
N PRO A 98 15.67 9.62 12.08
CA PRO A 98 15.98 10.55 10.98
C PRO A 98 15.12 10.34 9.73
N ILE A 99 14.51 11.41 9.25
CA ILE A 99 13.98 11.42 7.89
C ILE A 99 15.16 11.48 6.94
N GLN A 100 15.27 10.52 6.02
CA GLN A 100 16.41 10.47 5.14
C GLN A 100 16.04 10.96 3.77
N LEU A 101 16.60 12.08 3.36
CA LEU A 101 16.35 12.65 2.05
C LEU A 101 17.18 11.94 0.98
N PRO A 102 16.54 11.51 -0.12
CA PRO A 102 17.27 11.02 -1.28
C PRO A 102 18.21 12.12 -1.79
N ALA A 103 19.40 11.75 -2.27
CA ALA A 103 20.40 12.76 -2.65
C ALA A 103 19.87 13.75 -3.69
N ASP A 104 19.05 13.24 -4.62
CA ASP A 104 18.64 13.99 -5.80
C ASP A 104 17.27 14.67 -5.70
N ALA A 105 16.65 14.59 -4.53
CA ALA A 105 15.29 15.10 -4.36
C ALA A 105 15.28 16.52 -3.81
N ASP A 106 14.88 17.50 -4.62
CA ASP A 106 14.69 18.84 -4.08
C ASP A 106 13.58 19.60 -4.78
N PRO A 107 12.70 20.23 -3.98
CA PRO A 107 12.78 20.17 -2.52
C PRO A 107 11.96 19.03 -1.95
N VAL A 108 12.23 18.69 -0.70
CA VAL A 108 11.41 17.74 0.03
C VAL A 108 10.66 18.49 1.12
N HIS A 109 9.33 18.34 1.16
CA HIS A 109 8.52 19.12 2.08
C HIS A 109 7.97 18.30 3.25
N HIS A 110 7.90 18.95 4.41
CA HIS A 110 7.15 18.45 5.57
C HIS A 110 5.67 18.78 5.40
N GLU A 111 4.83 17.91 5.91
CA GLU A 111 3.38 18.10 5.86
C GLU A 111 2.80 17.51 7.13
N GLY A 112 2.65 18.33 8.16
CA GLY A 112 2.11 17.86 9.42
C GLY A 112 0.63 17.52 9.33
N GLU A 113 0.25 16.36 9.89
CA GLU A 113 -1.14 15.91 9.81
C GLU A 113 -1.62 15.21 11.09
N LEU A 114 -2.90 15.36 11.36
CA LEU A 114 -3.59 14.46 12.29
C LEU A 114 -3.83 13.08 11.65
N ALA A 115 -3.50 12.01 12.36
CA ALA A 115 -3.62 10.66 11.80
C ALA A 115 -4.72 9.87 12.53
N ILE A 116 -5.64 9.29 11.76
CA ILE A 116 -6.63 8.36 12.30
C ILE A 116 -6.05 6.97 12.38
N VAL A 117 -6.18 6.28 13.52
CA VAL A 117 -5.83 4.87 13.56
C VAL A 117 -7.08 3.99 13.67
N ILE A 118 -7.28 3.13 12.69
CA ILE A 118 -8.45 2.25 12.67
C ILE A 118 -8.33 1.18 13.75
N GLY A 119 -9.46 0.91 14.44
CA GLY A 119 -9.46 0.01 15.57
C GLY A 119 -10.23 -1.29 15.38
N ARG A 120 -10.98 -1.37 14.29
CA ARG A 120 -11.82 -2.54 14.02
C ARG A 120 -11.83 -2.78 12.53
N PRO A 121 -11.88 -4.05 12.11
CA PRO A 121 -11.97 -4.20 10.66
C PRO A 121 -13.29 -3.61 10.16
N CYS A 122 -13.28 -3.02 8.98
CA CYS A 122 -14.52 -2.45 8.47
C CYS A 122 -14.53 -2.15 6.99
N LYS A 123 -15.74 -1.91 6.51
CA LYS A 123 -16.04 -1.68 5.12
C LYS A 123 -17.39 -0.96 5.10
N ASP A 124 -17.51 0.04 4.23
CA ASP A 124 -18.77 0.77 4.05
C ASP A 124 -19.31 1.38 5.34
N VAL A 125 -18.42 1.93 6.15
CA VAL A 125 -18.79 2.65 7.37
C VAL A 125 -19.45 4.00 7.05
N PRO A 126 -20.64 4.27 7.63
CA PRO A 126 -21.30 5.59 7.55
C PRO A 126 -20.49 6.65 8.29
N ALA A 127 -20.38 7.87 7.75
CA ALA A 127 -19.58 8.90 8.38
C ALA A 127 -20.02 9.13 9.84
N ALA A 128 -21.33 9.06 10.07
CA ALA A 128 -21.90 9.33 11.37
C ALA A 128 -21.39 8.38 12.45
N ARG A 129 -21.00 7.17 12.03
CA ARG A 129 -20.60 6.15 12.97
C ARG A 129 -19.11 5.83 12.95
N ALA A 130 -18.32 6.70 12.32
CA ALA A 130 -16.88 6.45 12.16
C ALA A 130 -16.17 6.21 13.49
N ALA A 131 -16.53 6.98 14.52
CA ALA A 131 -15.84 6.87 15.81
C ALA A 131 -15.89 5.46 16.42
N GLU A 132 -16.92 4.67 16.10
CA GLU A 132 -17.03 3.29 16.58
C GLU A 132 -15.94 2.38 16.03
N PHE A 133 -15.26 2.84 14.99
CA PHE A 133 -14.28 1.99 14.31
C PHE A 133 -12.86 2.55 14.42
N ILE A 134 -12.70 3.54 15.27
CA ILE A 134 -11.45 4.30 15.35
C ILE A 134 -10.79 4.03 16.69
N LEU A 135 -9.56 3.49 16.67
CA LEU A 135 -8.85 3.20 17.93
C LEU A 135 -8.50 4.50 18.64
N GLY A 136 -7.94 5.42 17.86
CA GLY A 136 -7.60 6.72 18.38
C GLY A 136 -6.84 7.52 17.34
N TYR A 137 -6.14 8.54 17.81
CA TYR A 137 -5.52 9.55 16.95
C TYR A 137 -4.06 9.70 17.30
N THR A 138 -3.24 9.83 16.26
CA THR A 138 -1.85 10.14 16.48
C THR A 138 -1.44 11.22 15.49
N ILE A 139 -0.14 11.44 15.37
CA ILE A 139 0.35 12.50 14.49
C ILE A 139 1.15 11.87 13.35
N GLY A 140 1.11 12.52 12.18
CA GLY A 140 1.89 12.02 11.05
C GLY A 140 2.53 13.15 10.28
N ASN A 141 3.55 12.82 9.50
CA ASN A 141 4.24 13.79 8.65
C ASN A 141 4.28 13.18 7.24
N ASP A 142 3.52 13.76 6.31
CA ASP A 142 3.41 13.21 4.96
C ASP A 142 4.55 13.82 4.15
N VAL A 143 5.76 13.32 4.40
CA VAL A 143 6.94 13.88 3.72
C VAL A 143 6.83 13.64 2.23
N SER A 144 7.13 14.68 1.45
CA SER A 144 6.85 14.73 0.03
C SER A 144 7.99 15.36 -0.78
N ALA A 145 8.57 14.60 -1.70
CA ALA A 145 9.55 15.16 -2.65
C ALA A 145 8.84 15.85 -3.81
N ARG A 146 8.78 17.18 -3.76
CA ARG A 146 7.88 17.95 -4.63
C ARG A 146 8.24 17.84 -6.10
N ASP A 147 9.54 17.73 -6.38
CA ASP A 147 10.01 17.60 -7.76
C ASP A 147 9.51 16.29 -8.37
N GLN A 148 9.45 15.25 -7.56
CA GLN A 148 9.01 13.95 -8.03
C GLN A 148 7.51 13.95 -8.20
N GLN A 149 6.84 14.69 -7.34
CA GLN A 149 5.40 14.77 -7.36
C GLN A 149 4.93 15.38 -8.67
N ARG A 150 5.46 16.54 -8.99
CA ARG A 150 5.13 17.24 -10.22
CA ARG A 150 5.11 17.23 -10.22
C ARG A 150 5.46 16.39 -11.44
N LYS A 151 6.63 15.77 -11.42
CA LYS A 151 7.09 14.99 -12.56
C LYS A 151 6.22 13.77 -12.86
N ASP A 152 5.88 13.02 -11.81
CA ASP A 152 5.18 11.75 -11.95
C ASP A 152 3.68 11.86 -12.19
N GLY A 153 3.07 12.97 -11.80
CA GLY A 153 1.62 13.05 -11.81
C GLY A 153 1.05 12.27 -10.64
N GLN A 154 1.29 10.96 -10.62
CA GLN A 154 0.99 10.13 -9.46
C GLN A 154 1.91 10.50 -8.31
N TRP A 155 1.35 10.65 -7.11
CA TRP A 155 2.11 11.17 -5.98
C TRP A 155 2.84 10.10 -5.20
N MET A 156 2.56 8.83 -5.50
CA MET A 156 3.07 7.73 -4.70
C MET A 156 4.60 7.76 -4.46
N ARG A 157 5.40 7.79 -5.53
CA ARG A 157 6.85 7.77 -5.36
CA ARG A 157 6.86 7.79 -5.38
C ARG A 157 7.35 8.93 -4.49
N ALA A 158 6.88 10.14 -4.79
CA ALA A 158 7.26 11.36 -4.06
C ALA A 158 7.06 11.23 -2.55
N LYS A 159 6.04 10.45 -2.17
CA LYS A 159 5.64 10.34 -0.78
C LYS A 159 5.87 8.93 -0.22
N GLY A 160 6.57 8.09 -0.99
CA GLY A 160 6.69 6.68 -0.59
C GLY A 160 8.09 6.21 -0.26
N HIS A 161 9.05 7.12 -0.22
CA HIS A 161 10.42 6.75 0.13
C HIS A 161 10.45 6.23 1.54
N ASP A 162 11.39 5.33 1.83
CA ASP A 162 11.65 4.93 3.21
C ASP A 162 11.82 6.20 4.06
N THR A 163 11.23 6.16 5.26
CA THR A 163 11.22 7.23 6.27
C THR A 163 10.31 8.40 5.95
N PHE A 164 9.51 8.33 4.87
CA PHE A 164 8.70 9.50 4.53
C PHE A 164 7.32 9.48 5.20
N CYS A 165 7.15 8.61 6.19
CA CYS A 165 5.93 8.64 7.00
C CYS A 165 6.21 8.51 8.50
N PRO A 166 6.86 9.53 9.08
CA PRO A 166 6.84 9.57 10.55
C PRO A 166 5.44 9.43 11.15
N LEU A 167 5.35 8.65 12.22
CA LEU A 167 4.09 8.42 12.95
C LEU A 167 4.35 8.35 14.43
N GLY A 168 3.54 9.02 15.24
CA GLY A 168 3.68 8.95 16.68
C GLY A 168 3.29 10.25 17.35
N PRO A 169 3.66 10.42 18.63
CA PRO A 169 4.49 9.53 19.45
C PRO A 169 3.69 8.40 20.09
N TRP A 170 2.37 8.54 20.08
CA TRP A 170 1.47 7.56 20.69
C TRP A 170 0.07 7.81 20.19
N ILE A 171 -0.84 6.88 20.48
CA ILE A 171 -2.22 7.00 20.07
C ILE A 171 -3.11 7.36 21.26
N VAL A 172 -3.82 8.49 21.16
CA VAL A 172 -4.76 8.91 22.20
C VAL A 172 -6.16 8.38 21.90
N THR A 173 -6.76 7.68 22.86
CA THR A 173 -7.99 6.94 22.58
C THR A 173 -9.25 7.73 22.96
N ASP A 174 -9.10 8.71 23.83
CA ASP A 174 -10.27 9.45 24.30
C ASP A 174 -10.26 10.90 23.82
N LEU A 175 -9.69 11.14 22.64
CA LEU A 175 -9.59 12.49 22.11
C LEU A 175 -10.83 12.90 21.32
N ASP A 176 -11.28 14.13 21.58
CA ASP A 176 -12.23 14.82 20.73
C ASP A 176 -11.45 15.70 19.76
N PRO A 177 -11.30 15.23 18.53
CA PRO A 177 -10.51 15.90 17.49
C PRO A 177 -11.29 16.96 16.71
N SER A 178 -12.50 17.30 17.14
CA SER A 178 -13.33 18.24 16.39
C SER A 178 -12.64 19.58 16.13
N ASP A 179 -11.87 20.05 17.10
CA ASP A 179 -11.29 21.38 17.05
C ASP A 179 -10.01 21.48 17.88
N VAL A 180 -8.95 20.80 17.44
CA VAL A 180 -7.64 20.88 18.08
C VAL A 180 -6.64 21.62 17.21
N GLU A 181 -5.64 22.26 17.80
CA GLU A 181 -4.64 22.91 16.97
C GLU A 181 -3.63 21.90 16.43
N LEU A 182 -3.25 22.14 15.17
CA LEU A 182 -2.20 21.39 14.49
C LEU A 182 -1.12 22.37 14.09
N ARG A 183 0.12 22.07 14.44
CA ARG A 183 1.22 23.00 14.24
C ARG A 183 2.47 22.26 13.78
N THR A 184 3.21 22.87 12.85
CA THR A 184 4.47 22.30 12.39
C THR A 184 5.57 23.31 12.66
N GLU A 185 6.64 22.87 13.32
CA GLU A 185 7.80 23.72 13.50
C GLU A 185 9.02 23.10 12.85
N VAL A 186 9.87 23.96 12.27
CA VAL A 186 11.16 23.52 11.74
C VAL A 186 12.25 24.36 12.38
N ASN A 187 13.19 23.69 13.06
CA ASN A 187 14.23 24.38 13.81
C ASN A 187 13.64 25.45 14.72
N GLY A 188 12.51 25.13 15.34
CA GLY A 188 11.88 26.04 16.29
C GLY A 188 10.99 27.10 15.68
N GLN A 189 11.01 27.22 14.35
CA GLN A 189 10.19 28.22 13.66
C GLN A 189 8.87 27.61 13.20
N VAL A 190 7.75 28.26 13.51
CA VAL A 190 6.45 27.77 13.08
C VAL A 190 6.26 27.93 11.57
N ARG A 191 5.96 26.83 10.89
CA ARG A 191 5.73 26.81 9.45
C ARG A 191 4.22 26.69 9.13
N GLN A 192 3.56 25.80 9.87
CA GLN A 192 2.14 25.54 9.71
C GLN A 192 1.44 25.70 11.03
N ARG A 193 0.23 26.23 10.98
CA ARG A 193 -0.60 26.33 12.16
C ARG A 193 -2.05 26.53 11.76
N SER A 194 -2.89 25.57 12.13
CA SER A 194 -4.32 25.63 11.85
C SER A 194 -5.08 24.83 12.91
N ARG A 195 -6.39 24.71 12.75
CA ARG A 195 -7.17 23.89 13.67
C ARG A 195 -7.97 22.89 12.87
N THR A 196 -8.28 21.74 13.46
CA THR A 196 -8.97 20.68 12.75
C THR A 196 -10.43 21.02 12.43
N SER A 197 -10.95 22.07 13.05
CA SER A 197 -12.28 22.56 12.71
C SER A 197 -12.29 23.16 11.29
N LEU A 198 -11.12 23.28 10.66
CA LEU A 198 -11.02 23.82 9.32
C LEU A 198 -10.85 22.71 8.26
N LEU A 199 -11.03 21.47 8.68
CA LEU A 199 -10.95 20.35 7.74
C LEU A 199 -12.07 20.47 6.69
N LEU A 200 -11.72 20.28 5.42
CA LEU A 200 -12.72 20.31 4.35
C LEU A 200 -13.58 19.06 4.42
N HIS A 201 -12.92 17.91 4.49
CA HIS A 201 -13.55 16.61 4.73
C HIS A 201 -13.21 16.15 6.13
N ASP A 202 -14.19 16.06 7.03
CA ASP A 202 -13.83 15.76 8.40
C ASP A 202 -13.51 14.28 8.56
N ILE A 203 -13.13 13.90 9.77
CA ILE A 203 -12.72 12.54 10.06
C ILE A 203 -13.76 11.52 9.58
N GLY A 204 -15.03 11.78 9.91
CA GLY A 204 -16.12 10.94 9.46
C GLY A 204 -16.20 10.75 7.96
N ARG A 205 -16.10 11.85 7.22
CA ARG A 205 -16.19 11.83 5.76
CA ARG A 205 -16.20 11.82 5.76
C ARG A 205 -15.05 11.02 5.15
N LEU A 206 -13.88 11.10 5.79
CA LEU A 206 -12.71 10.42 5.26
C LEU A 206 -12.77 8.92 5.52
N VAL A 207 -13.28 8.54 6.68
CA VAL A 207 -13.42 7.12 7.00
C VAL A 207 -14.49 6.52 6.10
N GLU A 208 -15.58 7.26 5.91
CA GLU A 208 -16.65 6.81 5.04
C GLU A 208 -16.14 6.64 3.62
N TRP A 209 -15.44 7.66 3.12
CA TRP A 209 -14.98 7.64 1.74
C TRP A 209 -14.01 6.48 1.51
N THR A 210 -13.06 6.30 2.43
CA THR A 210 -12.02 5.30 2.29
C THR A 210 -12.59 3.88 2.44
N SER A 211 -13.45 3.66 3.43
CA SER A 211 -14.00 2.32 3.68
C SER A 211 -15.02 1.90 2.62
N ALA A 212 -15.49 2.85 1.83
CA ALA A 212 -16.37 2.51 0.71
C ALA A 212 -15.54 1.92 -0.44
N VAL A 213 -14.26 2.24 -0.45
CA VAL A 213 -13.35 1.74 -1.49
C VAL A 213 -12.72 0.42 -1.08
N MET A 214 -12.16 0.39 0.13
CA MET A 214 -11.38 -0.75 0.56
C MET A 214 -11.68 -1.15 1.99
N THR A 215 -11.61 -2.45 2.25
CA THR A 215 -11.61 -2.94 3.62
C THR A 215 -10.44 -2.33 4.40
N LEU A 216 -10.75 -1.79 5.59
CA LEU A 216 -9.70 -1.28 6.50
C LEU A 216 -9.52 -2.29 7.62
N LEU A 217 -8.27 -2.44 8.05
CA LEU A 217 -7.91 -3.38 9.10
C LEU A 217 -7.53 -2.63 10.35
N PRO A 218 -7.70 -3.26 11.53
CA PRO A 218 -7.18 -2.65 12.76
C PRO A 218 -5.72 -2.29 12.56
N GLY A 219 -5.37 -1.06 12.88
CA GLY A 219 -4.01 -0.62 12.74
C GLY A 219 -3.78 0.22 11.51
N ASP A 220 -4.69 0.16 10.55
CA ASP A 220 -4.52 0.97 9.36
C ASP A 220 -4.59 2.44 9.76
N VAL A 221 -3.88 3.28 9.00
CA VAL A 221 -3.78 4.71 9.31
C VAL A 221 -4.38 5.56 8.20
N ILE A 222 -5.18 6.57 8.56
CA ILE A 222 -5.64 7.52 7.56
C ILE A 222 -5.09 8.90 7.94
N LEU A 223 -4.21 9.45 7.10
CA LEU A 223 -3.71 10.81 7.30
C LEU A 223 -4.71 11.82 6.78
N THR A 224 -5.10 12.79 7.61
CA THR A 224 -6.25 13.62 7.28
C THR A 224 -5.93 14.93 6.57
N GLY A 225 -4.71 15.04 6.02
CA GLY A 225 -4.37 16.18 5.20
C GLY A 225 -3.56 17.21 5.95
N THR A 226 -3.11 18.23 5.24
CA THR A 226 -2.23 19.21 5.84
C THR A 226 -2.66 20.65 5.52
N PRO A 227 -2.40 21.57 6.45
CA PRO A 227 -2.81 22.97 6.20
C PRO A 227 -1.79 23.70 5.34
N GLU A 228 -2.08 24.96 5.04
CA GLU A 228 -1.15 25.85 4.36
C GLU A 228 0.19 25.92 5.11
N GLY A 229 1.24 26.35 4.41
CA GLY A 229 2.54 26.52 5.04
C GLY A 229 3.51 25.35 4.88
N VAL A 230 3.18 24.37 4.05
CA VAL A 230 4.14 23.30 3.75
C VAL A 230 5.44 23.96 3.26
N GLY A 231 6.58 23.37 3.56
CA GLY A 231 7.84 24.00 3.21
C GLY A 231 9.01 23.03 3.28
N PRO A 232 10.18 23.45 2.80
CA PRO A 232 11.31 22.52 2.66
C PRO A 232 11.96 22.11 3.97
N ILE A 233 12.48 20.88 3.97
CA ILE A 233 13.33 20.41 5.05
C ILE A 233 14.68 20.04 4.43
N GLU A 234 15.74 20.18 5.19
CA GLU A 234 17.09 19.97 4.69
C GLU A 234 17.96 19.29 5.75
N ASP A 235 19.13 18.83 5.32
CA ASP A 235 20.03 18.11 6.21
C ASP A 235 20.34 18.94 7.45
N GLY A 236 20.21 18.33 8.61
CA GLY A 236 20.50 19.01 9.86
C GLY A 236 19.27 19.60 10.52
N ASP A 237 18.20 19.78 9.75
CA ASP A 237 16.94 20.29 10.32
C ASP A 237 16.32 19.35 11.34
N THR A 238 15.46 19.92 12.17
CA THR A 238 14.58 19.15 13.04
C THR A 238 13.15 19.60 12.76
N VAL A 239 12.26 18.66 12.51
CA VAL A 239 10.85 18.97 12.26
C VAL A 239 10.00 18.47 13.41
N SER A 240 9.15 19.34 13.96
CA SER A 240 8.28 18.95 15.05
C SER A 240 6.82 19.26 14.72
N ILE A 241 5.98 18.24 14.78
CA ILE A 241 4.54 18.38 14.54
CA ILE A 241 4.56 18.45 14.57
C ILE A 241 3.81 18.21 15.87
N THR A 242 3.02 19.19 16.25
CA THR A 242 2.33 19.16 17.51
C THR A 242 0.83 19.15 17.28
N VAL A 243 0.14 18.25 17.95
CA VAL A 243 -1.30 18.33 17.98
C VAL A 243 -1.78 18.46 19.41
N GLU A 244 -2.56 19.52 19.64
CA GLU A 244 -3.18 19.81 20.92
C GLU A 244 -3.97 18.58 21.41
N GLY A 245 -3.62 18.08 22.60
CA GLY A 245 -4.28 16.89 23.12
C GLY A 245 -3.60 15.56 22.82
N ILE A 246 -2.63 15.59 21.92
CA ILE A 246 -1.86 14.39 21.64
C ILE A 246 -0.43 14.55 22.17
N GLY A 247 0.28 15.51 21.60
CA GLY A 247 1.66 15.75 21.96
C GLY A 247 2.45 16.18 20.74
N THR A 248 3.73 15.83 20.70
CA THR A 248 4.60 16.25 19.61
C THR A 248 5.36 15.09 18.98
N LEU A 249 5.32 15.05 17.65
CA LEU A 249 6.11 14.12 16.87
C LEU A 249 7.31 14.85 16.28
N THR A 250 8.52 14.46 16.68
CA THR A 250 9.73 15.14 16.26
C THR A 250 10.67 14.20 15.52
N ASN A 251 11.21 14.66 14.39
CA ASN A 251 12.22 13.89 13.65
C ASN A 251 13.36 14.73 13.12
N PRO A 252 14.59 14.25 13.32
CA PRO A 252 15.68 14.97 12.67
C PRO A 252 15.71 14.65 11.17
N VAL A 253 16.48 15.43 10.41
CA VAL A 253 16.53 15.25 8.96
C VAL A 253 17.96 15.10 8.50
N VAL A 254 18.22 14.12 7.64
CA VAL A 254 19.53 13.93 7.05
C VAL A 254 19.42 13.74 5.54
N ARG A 255 20.35 14.30 4.78
CA ARG A 255 20.33 14.03 3.34
C ARG A 255 21.33 12.93 2.99
N LYS A 256 20.86 11.95 2.22
CA LYS A 256 21.73 10.83 1.81
C LYS A 256 22.80 11.24 0.81
N MET B 1 9.64 -25.11 -11.56
CA MET B 1 8.74 -25.27 -10.42
C MET B 1 7.64 -24.22 -10.39
N ARG B 2 6.46 -24.63 -9.94
CA ARG B 2 5.33 -23.73 -9.74
C ARG B 2 4.96 -23.70 -8.26
N LEU B 3 4.96 -22.50 -7.68
CA LEU B 3 4.61 -22.31 -6.28
C LEU B 3 3.29 -21.58 -6.13
N GLY B 4 2.48 -22.02 -5.17
CA GLY B 4 1.22 -21.34 -4.91
C GLY B 4 0.59 -21.72 -3.57
N ARG B 5 -0.61 -21.17 -3.34
CA ARG B 5 -1.37 -21.48 -2.13
C ARG B 5 -2.69 -22.13 -2.51
N ILE B 6 -3.07 -23.15 -1.74
CA ILE B 6 -4.32 -23.85 -2.00
C ILE B 6 -5.22 -23.93 -0.78
N ALA B 7 -6.53 -24.03 -1.03
CA ALA B 7 -7.50 -24.30 0.01
C ALA B 7 -7.83 -25.78 -0.01
N SER B 8 -7.44 -26.50 1.03
CA SER B 8 -7.69 -27.94 1.12
C SER B 8 -8.86 -28.21 2.07
N PRO B 9 -9.33 -29.46 2.14
CA PRO B 9 -10.32 -29.74 3.19
C PRO B 9 -9.69 -29.65 4.58
N ASP B 10 -8.36 -29.71 4.64
CA ASP B 10 -7.61 -29.62 5.88
C ASP B 10 -7.23 -28.19 6.19
N GLY B 11 -7.42 -27.31 5.22
CA GLY B 11 -7.05 -25.91 5.37
C GLY B 11 -6.21 -25.36 4.24
N VAL B 12 -5.43 -24.32 4.55
CA VAL B 12 -4.61 -23.64 3.54
C VAL B 12 -3.16 -24.13 3.60
N ALA B 13 -2.59 -24.43 2.43
CA ALA B 13 -1.19 -24.81 2.37
C ALA B 13 -0.45 -24.06 1.28
N PHE B 14 0.85 -23.85 1.50
CA PHE B 14 1.75 -23.35 0.48
C PHE B 14 2.34 -24.58 -0.22
N VAL B 15 2.06 -24.71 -1.51
CA VAL B 15 2.31 -25.97 -2.22
C VAL B 15 3.18 -25.86 -3.46
N SER B 16 3.63 -27.02 -3.93
CA SER B 16 4.33 -27.13 -5.21
C SER B 16 3.45 -27.89 -6.18
N ILE B 17 3.07 -27.24 -7.26
CA ILE B 17 2.18 -27.86 -8.24
C ILE B 17 2.99 -28.52 -9.36
N GLU B 18 2.74 -29.81 -9.59
CA GLU B 18 3.54 -30.60 -10.52
C GLU B 18 2.67 -31.52 -11.38
N GLY B 19 2.71 -31.32 -12.69
CA GLY B 19 1.91 -32.11 -13.60
C GLY B 19 1.00 -31.25 -14.46
N ASP B 20 0.87 -31.60 -15.74
CA ASP B 20 0.03 -30.86 -16.66
C ASP B 20 -1.26 -31.62 -16.96
N GLY B 21 -1.30 -32.87 -16.52
CA GLY B 21 -2.52 -33.66 -16.61
C GLY B 21 -3.29 -33.55 -15.31
N PRO B 22 -4.63 -33.60 -15.39
CA PRO B 22 -5.53 -33.54 -14.23
C PRO B 22 -5.21 -34.59 -13.16
N ASP B 23 -4.37 -35.56 -13.49
CA ASP B 23 -3.70 -36.37 -12.48
C ASP B 23 -2.56 -35.53 -11.89
N ALA B 24 -2.91 -34.31 -11.48
CA ALA B 24 -1.97 -33.30 -11.03
C ALA B 24 -1.88 -33.29 -9.52
N VAL B 25 -0.69 -33.00 -9.01
CA VAL B 25 -0.46 -33.06 -7.57
C VAL B 25 0.02 -31.72 -7.00
N CYS B 26 -0.60 -31.33 -5.90
CA CYS B 26 -0.07 -30.27 -5.06
C CYS B 26 0.56 -30.95 -3.85
N LYS B 27 1.88 -30.79 -3.73
CA LYS B 27 2.60 -31.30 -2.57
C LYS B 27 2.83 -30.13 -1.63
N GLU B 28 2.71 -30.37 -0.32
CA GLU B 28 2.92 -29.33 0.67
C GLU B 28 4.41 -29.00 0.83
N ILE B 29 4.71 -27.86 1.44
CA ILE B 29 6.07 -27.52 1.86
C ILE B 29 6.12 -27.38 3.38
N PRO B 37 13.01 -24.57 0.69
CA PRO B 37 11.85 -25.47 0.71
C PRO B 37 12.18 -26.89 1.19
N ASN B 38 11.52 -27.30 2.26
CA ASN B 38 11.53 -28.68 2.69
C ASN B 38 10.11 -29.25 2.61
N PHE B 39 9.93 -30.30 1.82
CA PHE B 39 8.62 -30.93 1.66
C PHE B 39 8.24 -31.76 2.88
N THR B 40 6.94 -31.84 3.17
CA THR B 40 6.47 -32.55 4.36
C THR B 40 5.95 -33.96 4.04
N GLY B 41 5.17 -34.09 2.98
CA GLY B 41 4.70 -35.40 2.56
C GLY B 41 3.24 -35.45 2.16
N ARG B 42 2.45 -34.53 2.69
CA ARG B 42 1.02 -34.48 2.37
C ARG B 42 0.84 -34.08 0.91
N SER B 43 -0.02 -34.81 0.20
CA SER B 43 -0.26 -34.51 -1.19
C SER B 43 -1.75 -34.37 -1.47
N TRP B 44 -2.10 -33.24 -2.09
CA TRP B 44 -3.44 -33.07 -2.62
C TRP B 44 -3.35 -33.09 -4.14
N PRO B 45 -4.24 -33.84 -4.79
CA PRO B 45 -4.35 -33.61 -6.23
C PRO B 45 -4.87 -32.20 -6.48
N LEU B 46 -4.54 -31.64 -7.64
CA LEU B 46 -4.98 -30.29 -7.99
C LEU B 46 -6.48 -30.26 -8.20
N ALA B 47 -7.02 -31.41 -8.60
CA ALA B 47 -8.44 -31.56 -8.88
C ALA B 47 -9.29 -31.38 -7.62
N ASP B 48 -8.75 -31.81 -6.47
CA ASP B 48 -9.50 -31.84 -5.23
C ASP B 48 -9.57 -30.48 -4.54
N VAL B 49 -8.54 -29.66 -4.76
CA VAL B 49 -8.40 -28.41 -4.02
C VAL B 49 -8.56 -27.17 -4.91
N ARG B 50 -8.54 -26.00 -4.29
CA ARG B 50 -8.75 -24.75 -5.02
C ARG B 50 -7.57 -23.80 -4.86
N LEU B 51 -7.07 -23.31 -5.98
CA LEU B 51 -5.96 -22.34 -5.99
C LEU B 51 -6.38 -21.01 -5.39
N LEU B 52 -5.58 -20.50 -4.47
CA LEU B 52 -5.76 -19.17 -3.90
C LEU B 52 -4.77 -18.22 -4.54
N ALA B 53 -4.81 -16.94 -4.18
CA ALA B 53 -3.74 -16.03 -4.55
C ALA B 53 -2.46 -16.67 -4.00
N PRO B 54 -1.41 -16.75 -4.84
CA PRO B 54 -0.28 -17.62 -4.53
C PRO B 54 0.64 -17.08 -3.43
N ILE B 55 0.43 -15.84 -3.01
CA ILE B 55 1.28 -15.27 -1.98
C ILE B 55 0.55 -14.17 -1.23
N LEU B 56 0.91 -13.96 0.03
CA LEU B 56 0.33 -12.88 0.82
C LEU B 56 1.20 -11.62 0.70
N ALA B 57 0.85 -10.74 -0.23
CA ALA B 57 1.66 -9.55 -0.50
C ALA B 57 1.39 -8.47 0.53
N SER B 58 2.44 -7.86 1.07
CA SER B 58 2.28 -6.71 1.96
C SER B 58 1.90 -5.47 1.14
N LYS B 59 2.46 -5.35 -0.05
CA LYS B 59 2.09 -4.28 -0.96
CA LYS B 59 2.09 -4.28 -0.96
C LYS B 59 2.17 -4.72 -2.41
N VAL B 60 1.45 -4.01 -3.25
CA VAL B 60 1.42 -4.29 -4.65
C VAL B 60 1.80 -3.00 -5.35
N ILE B 61 2.90 -3.04 -6.10
CA ILE B 61 3.35 -1.89 -6.89
C ILE B 61 2.99 -2.15 -8.33
N ALA B 62 2.49 -1.13 -9.01
CA ALA B 62 2.19 -1.32 -10.42
C ALA B 62 2.73 -0.16 -11.26
N VAL B 63 2.89 -0.42 -12.55
CA VAL B 63 3.25 0.60 -13.50
C VAL B 63 2.12 0.70 -14.51
N GLY B 64 1.94 1.87 -15.13
CA GLY B 64 0.87 2.02 -16.10
C GLY B 64 1.34 1.82 -17.53
N LYS B 65 1.97 2.85 -18.09
CA LYS B 65 2.44 2.79 -19.47
C LYS B 65 3.77 2.07 -19.55
N ASN B 66 3.78 0.87 -20.10
CA ASN B 66 5.02 0.12 -20.19
C ASN B 66 5.15 -0.82 -21.39
N TYR B 67 4.31 -0.67 -22.40
CA TYR B 67 4.49 -1.46 -23.62
C TYR B 67 4.64 -0.57 -24.84
N ALA B 68 5.68 -0.82 -25.64
CA ALA B 68 5.77 -0.20 -26.95
C ALA B 68 4.69 -0.78 -27.87
N ALA B 69 4.21 0.05 -28.80
CA ALA B 69 3.16 -0.38 -29.73
C ALA B 69 3.66 -1.49 -30.64
N HIS B 70 4.82 -1.23 -31.25
CA HIS B 70 5.49 -2.21 -32.09
C HIS B 70 6.97 -2.24 -31.72
N ALA B 71 7.64 -3.33 -32.05
CA ALA B 71 9.05 -3.52 -31.72
C ALA B 71 9.95 -2.45 -32.29
N GLU B 72 9.49 -1.87 -33.41
CA GLU B 72 10.35 -1.03 -34.24
C GLU B 72 10.39 0.44 -33.87
N GLU B 73 9.57 0.86 -32.92
CA GLU B 73 9.45 2.29 -32.62
C GLU B 73 9.15 2.62 -31.16
N MET B 74 10.13 3.05 -30.37
CA MET B 74 11.58 3.05 -30.66
C MET B 74 12.26 3.29 -29.33
N GLY B 75 13.33 2.57 -29.04
CA GLY B 75 13.98 1.72 -30.03
C GLY B 75 15.44 1.51 -29.66
N GLY B 76 16.23 2.57 -29.66
CA GLY B 76 15.81 3.90 -30.05
C GLY B 76 15.90 4.93 -28.94
N VAL B 77 15.07 5.96 -29.02
CA VAL B 77 15.05 7.02 -28.01
C VAL B 77 14.57 6.49 -26.66
N ALA B 78 15.30 6.84 -25.61
CA ALA B 78 14.99 6.37 -24.26
C ALA B 78 13.56 6.69 -23.86
N PRO B 79 12.86 5.70 -23.29
CA PRO B 79 11.53 5.97 -22.76
C PRO B 79 11.65 6.90 -21.57
N GLU B 80 10.59 7.63 -21.25
CA GLU B 80 10.58 8.44 -20.04
C GLU B 80 10.70 7.52 -18.84
N ASP B 81 10.99 8.09 -17.67
CA ASP B 81 11.08 7.30 -16.45
C ASP B 81 9.76 6.60 -16.13
N PRO B 82 9.83 5.48 -15.41
CA PRO B 82 8.60 4.79 -15.01
C PRO B 82 7.79 5.60 -14.01
N VAL B 83 6.47 5.51 -14.13
CA VAL B 83 5.57 6.05 -13.13
C VAL B 83 5.00 4.88 -12.34
N ILE B 84 5.34 4.78 -11.07
CA ILE B 84 4.85 3.66 -10.26
C ILE B 84 3.78 4.13 -9.28
N PHE B 85 2.92 3.20 -8.86
CA PHE B 85 1.88 3.48 -7.88
C PHE B 85 1.55 2.21 -7.06
N LEU B 86 0.63 2.34 -6.11
CA LEU B 86 0.31 1.24 -5.19
C LEU B 86 -1.14 0.80 -5.34
N LYS B 87 -1.37 -0.50 -5.23
CA LYS B 87 -2.71 -1.05 -5.04
C LYS B 87 -2.71 -1.66 -3.65
N PRO B 88 -3.79 -1.45 -2.86
CA PRO B 88 -3.81 -2.05 -1.54
C PRO B 88 -3.90 -3.56 -1.59
N ASN B 89 -3.29 -4.25 -0.63
CA ASN B 89 -3.33 -5.72 -0.69
C ASN B 89 -4.73 -6.25 -0.37
N THR B 90 -5.61 -5.39 0.11
CA THR B 90 -7.04 -5.77 0.23
C THR B 90 -7.75 -5.95 -1.10
N ALA B 91 -7.12 -5.48 -2.17
CA ALA B 91 -7.70 -5.64 -3.49
C ALA B 91 -7.42 -7.03 -4.07
N ILE B 92 -6.45 -7.74 -3.49
CA ILE B 92 -6.06 -9.05 -4.05
C ILE B 92 -7.15 -10.13 -3.90
N ILE B 93 -7.38 -10.86 -4.99
CA ILE B 93 -8.19 -12.09 -4.97
C ILE B 93 -7.47 -13.12 -5.84
N GLY B 94 -7.77 -14.39 -5.62
CA GLY B 94 -7.15 -15.45 -6.41
C GLY B 94 -7.97 -15.92 -7.59
N PRO B 95 -7.53 -17.00 -8.24
CA PRO B 95 -8.26 -17.51 -9.41
C PRO B 95 -9.73 -17.85 -9.09
N ASN B 96 -10.59 -17.59 -10.08
CA ASN B 96 -11.99 -18.02 -10.07
C ASN B 96 -12.84 -17.31 -9.02
N VAL B 97 -12.25 -16.33 -8.37
CA VAL B 97 -12.98 -15.48 -7.43
C VAL B 97 -13.60 -14.32 -8.22
N PRO B 98 -14.89 -14.01 -7.97
CA PRO B 98 -15.54 -12.90 -8.69
C PRO B 98 -14.90 -11.54 -8.44
N ILE B 99 -14.64 -10.83 -9.54
CA ILE B 99 -14.37 -9.40 -9.50
C ILE B 99 -15.69 -8.70 -9.25
N GLN B 100 -15.78 -7.93 -8.16
CA GLN B 100 -17.02 -7.23 -7.84
C GLN B 100 -16.96 -5.74 -8.22
N LEU B 101 -17.81 -5.38 -9.17
CA LEU B 101 -17.83 -4.02 -9.68
C LEU B 101 -18.68 -3.15 -8.78
N PRO B 102 -18.17 -1.96 -8.45
CA PRO B 102 -18.97 -0.99 -7.72
C PRO B 102 -20.19 -0.60 -8.54
N ALA B 103 -21.31 -0.40 -7.87
CA ALA B 103 -22.56 -0.08 -8.57
C ALA B 103 -22.41 1.12 -9.51
N ASP B 104 -21.64 2.11 -9.05
CA ASP B 104 -21.52 3.40 -9.75
C ASP B 104 -20.38 3.48 -10.76
N ALA B 105 -19.51 2.47 -10.77
CA ALA B 105 -18.27 2.55 -11.56
C ALA B 105 -18.48 2.17 -13.04
N ASP B 106 -18.33 3.15 -13.93
CA ASP B 106 -18.50 2.93 -15.38
C ASP B 106 -17.53 3.79 -16.17
N PRO B 107 -16.68 3.17 -17.00
CA PRO B 107 -16.49 1.73 -17.16
C PRO B 107 -15.39 1.22 -16.23
N VAL B 108 -15.39 -0.08 -15.95
CA VAL B 108 -14.30 -0.70 -15.22
C VAL B 108 -13.52 -1.54 -16.23
N HIS B 109 -12.20 -1.38 -16.27
CA HIS B 109 -11.38 -2.02 -17.30
C HIS B 109 -10.52 -3.17 -16.78
N HIS B 110 -10.39 -4.21 -17.60
CA HIS B 110 -9.38 -5.25 -17.37
C HIS B 110 -8.02 -4.75 -17.81
N GLU B 111 -6.97 -5.17 -17.11
CA GLU B 111 -5.58 -4.88 -17.53
C GLU B 111 -4.67 -6.06 -17.23
N GLY B 112 -4.53 -6.97 -18.18
CA GLY B 112 -3.70 -8.14 -17.95
C GLY B 112 -2.25 -7.71 -17.85
N GLU B 113 -1.53 -8.28 -16.88
CA GLU B 113 -0.10 -7.96 -16.70
C GLU B 113 0.70 -9.15 -16.19
N LEU B 114 1.99 -9.16 -16.52
CA LEU B 114 2.93 -10.07 -15.89
C LEU B 114 3.29 -9.49 -14.53
N ALA B 115 3.27 -10.34 -13.50
CA ALA B 115 3.57 -9.96 -12.13
C ALA B 115 4.91 -10.52 -11.64
N ILE B 116 5.77 -9.64 -11.12
CA ILE B 116 6.98 -10.02 -10.41
C ILE B 116 6.65 -10.30 -8.95
N VAL B 117 7.15 -11.39 -8.39
CA VAL B 117 7.02 -11.59 -6.94
C VAL B 117 8.42 -11.56 -6.33
N ILE B 118 8.62 -10.60 -5.43
CA ILE B 118 9.88 -10.44 -4.70
C ILE B 118 10.08 -11.59 -3.72
N GLY B 119 11.29 -12.14 -3.66
CA GLY B 119 11.57 -13.25 -2.78
C GLY B 119 12.52 -12.94 -1.64
N ARG B 120 13.06 -11.73 -1.63
CA ARG B 120 14.04 -11.35 -0.61
C ARG B 120 13.94 -9.87 -0.30
N PRO B 121 14.15 -9.50 0.97
CA PRO B 121 14.15 -8.08 1.31
C PRO B 121 15.21 -7.36 0.51
N CYS B 122 14.88 -6.19 -0.05
CA CYS B 122 15.88 -5.46 -0.80
C CYS B 122 15.61 -3.98 -0.95
N LYS B 123 16.69 -3.27 -1.19
CA LYS B 123 16.70 -1.83 -1.35
C LYS B 123 17.83 -1.53 -2.31
N ASP B 124 17.64 -0.57 -3.22
CA ASP B 124 18.72 -0.09 -4.08
C ASP B 124 19.34 -1.22 -4.88
N VAL B 125 18.51 -1.99 -5.55
CA VAL B 125 18.99 -3.10 -6.35
C VAL B 125 19.31 -2.62 -7.76
N PRO B 126 20.53 -2.90 -8.24
CA PRO B 126 20.83 -2.55 -9.64
C PRO B 126 20.02 -3.43 -10.60
N ALA B 127 19.60 -2.86 -11.72
CA ALA B 127 18.74 -3.57 -12.66
C ALA B 127 19.32 -4.92 -13.05
N ALA B 128 20.64 -4.98 -13.21
CA ALA B 128 21.32 -6.19 -13.64
C ALA B 128 21.23 -7.33 -12.62
N ARG B 129 21.00 -7.00 -11.36
CA ARG B 129 20.95 -8.03 -10.30
C ARG B 129 19.52 -8.35 -9.84
N ALA B 130 18.53 -7.87 -10.58
CA ALA B 130 17.13 -7.97 -10.13
C ALA B 130 16.70 -9.43 -9.89
N ALA B 131 17.16 -10.35 -10.75
CA ALA B 131 16.75 -11.75 -10.63
C ALA B 131 17.18 -12.37 -9.30
N GLU B 132 18.25 -11.84 -8.71
CA GLU B 132 18.73 -12.30 -7.41
C GLU B 132 17.67 -12.14 -6.31
N PHE B 133 16.76 -11.19 -6.50
CA PHE B 133 15.79 -10.87 -5.46
C PHE B 133 14.37 -11.23 -5.86
N ILE B 134 14.23 -11.92 -6.99
CA ILE B 134 12.90 -12.26 -7.50
C ILE B 134 12.61 -13.74 -7.27
N LEU B 135 11.51 -14.03 -6.60
CA LEU B 135 11.11 -15.41 -6.35
C LEU B 135 10.64 -16.08 -7.63
N GLY B 136 9.78 -15.39 -8.35
CA GLY B 136 9.21 -15.93 -9.57
C GLY B 136 8.21 -14.98 -10.17
N TYR B 137 7.44 -15.47 -11.13
CA TYR B 137 6.49 -14.65 -11.87
C TYR B 137 5.10 -15.25 -11.83
N THR B 138 4.10 -14.39 -11.71
CA THR B 138 2.72 -14.85 -11.82
C THR B 138 1.93 -13.87 -12.72
N ILE B 139 0.61 -13.95 -12.67
CA ILE B 139 -0.21 -13.13 -13.54
C ILE B 139 -1.06 -12.22 -12.67
N GLY B 140 -1.29 -11.01 -13.16
CA GLY B 140 -2.11 -10.07 -12.43
C GLY B 140 -3.12 -9.39 -13.34
N ASN B 141 -4.14 -8.79 -12.73
CA ASN B 141 -5.11 -8.02 -13.47
C ASN B 141 -5.28 -6.69 -12.76
N ASP B 142 -4.84 -5.58 -13.37
CA ASP B 142 -4.92 -4.28 -12.69
C ASP B 142 -6.27 -3.66 -13.03
N VAL B 143 -7.31 -4.20 -12.40
CA VAL B 143 -8.69 -3.77 -12.65
C VAL B 143 -8.83 -2.30 -12.26
N SER B 144 -9.49 -1.53 -13.12
CA SER B 144 -9.41 -0.08 -13.02
C SER B 144 -10.74 0.58 -13.32
N ALA B 145 -11.29 1.34 -12.37
CA ALA B 145 -12.49 2.14 -12.66
C ALA B 145 -12.06 3.41 -13.38
N ARG B 146 -12.20 3.45 -14.70
CA ARG B 146 -11.61 4.53 -15.50
C ARG B 146 -12.23 5.91 -15.20
N ASP B 147 -13.51 5.95 -14.85
CA ASP B 147 -14.15 7.22 -14.54
C ASP B 147 -13.52 7.86 -13.30
N GLN B 148 -13.26 7.03 -12.29
CA GLN B 148 -12.67 7.49 -11.03
C GLN B 148 -11.23 7.95 -11.23
N GLN B 149 -10.53 7.27 -12.14
CA GLN B 149 -9.19 7.69 -12.51
C GLN B 149 -9.19 9.13 -12.98
N ARG B 150 -10.12 9.45 -13.89
CA ARG B 150 -10.16 10.78 -14.47
C ARG B 150 -10.61 11.85 -13.47
N LYS B 151 -11.53 11.48 -12.59
CA LYS B 151 -12.06 12.42 -11.59
C LYS B 151 -11.01 12.75 -10.52
N ASP B 152 -10.29 11.74 -10.08
CA ASP B 152 -9.40 11.84 -8.93
C ASP B 152 -8.02 12.40 -9.26
N GLY B 153 -7.56 12.17 -10.48
CA GLY B 153 -6.18 12.47 -10.84
C GLY B 153 -5.25 11.36 -10.36
N GLN B 154 -5.20 11.16 -9.04
CA GLN B 154 -4.54 10.00 -8.46
C GLN B 154 -5.34 8.74 -8.83
N TRP B 155 -4.63 7.69 -9.23
CA TRP B 155 -5.29 6.47 -9.74
C TRP B 155 -5.64 5.47 -8.65
N MET B 156 -5.20 5.73 -7.43
CA MET B 156 -5.29 4.75 -6.35
C MET B 156 -6.75 4.27 -6.13
N ARG B 157 -7.69 5.18 -5.94
CA ARG B 157 -9.08 4.76 -5.68
CA ARG B 157 -9.08 4.78 -5.69
C ARG B 157 -9.59 3.89 -6.81
N ALA B 158 -9.37 4.36 -8.03
CA ALA B 158 -9.84 3.65 -9.23
C ALA B 158 -9.33 2.21 -9.29
N LYS B 159 -8.14 1.97 -8.73
CA LYS B 159 -7.51 0.67 -8.85
C LYS B 159 -7.47 -0.06 -7.52
N GLY B 160 -8.12 0.52 -6.51
CA GLY B 160 -7.96 0.05 -5.15
C GLY B 160 -9.15 -0.65 -4.50
N HIS B 161 -10.23 -0.84 -5.26
CA HIS B 161 -11.42 -1.46 -4.68
C HIS B 161 -11.13 -2.92 -4.29
N ASP B 162 -11.89 -3.45 -3.34
CA ASP B 162 -11.75 -4.88 -3.05
C ASP B 162 -12.01 -5.67 -4.35
N THR B 163 -11.21 -6.72 -4.54
CA THR B 163 -11.21 -7.63 -5.71
C THR B 163 -10.56 -7.07 -6.99
N PHE B 164 -10.00 -5.87 -6.93
CA PHE B 164 -9.47 -5.26 -8.15
C PHE B 164 -8.02 -5.67 -8.41
N CYS B 165 -7.50 -6.63 -7.66
CA CYS B 165 -6.19 -7.18 -8.02
C CYS B 165 -6.15 -8.71 -8.05
N PRO B 166 -6.81 -9.32 -9.06
CA PRO B 166 -6.66 -10.77 -9.25
C PRO B 166 -5.19 -11.13 -9.39
N LEU B 167 -4.79 -12.22 -8.74
CA LEU B 167 -3.40 -12.67 -8.78
CA LEU B 167 -3.40 -12.67 -8.77
C LEU B 167 -3.35 -14.19 -8.83
N GLY B 168 -2.55 -14.75 -9.73
CA GLY B 168 -2.42 -16.19 -9.84
C GLY B 168 -2.09 -16.64 -11.24
N PRO B 169 -2.23 -17.95 -11.53
CA PRO B 169 -2.75 -18.97 -10.59
C PRO B 169 -1.68 -19.56 -9.66
N TRP B 170 -0.41 -19.34 -10.02
CA TRP B 170 0.72 -19.83 -9.24
C TRP B 170 1.95 -19.04 -9.65
N ILE B 171 3.04 -19.25 -8.92
CA ILE B 171 4.27 -18.54 -9.16
C ILE B 171 5.28 -19.48 -9.81
N VAL B 172 5.81 -19.09 -10.97
CA VAL B 172 6.80 -19.90 -11.65
C VAL B 172 8.19 -19.33 -11.43
N THR B 173 9.08 -20.14 -10.87
CA THR B 173 10.36 -19.64 -10.39
C THR B 173 11.48 -19.63 -11.45
N ASP B 174 11.35 -20.48 -12.47
CA ASP B 174 12.43 -20.64 -13.46
C ASP B 174 12.10 -20.03 -14.82
N LEU B 175 11.01 -19.27 -14.89
CA LEU B 175 10.57 -18.68 -16.15
C LEU B 175 11.59 -17.68 -16.70
N ASP B 176 11.87 -17.76 -18.01
CA ASP B 176 12.55 -16.66 -18.70
C ASP B 176 11.51 -15.68 -19.19
N PRO B 177 11.28 -14.59 -18.46
CA PRO B 177 10.17 -13.69 -18.78
C PRO B 177 10.54 -12.62 -19.81
N SER B 178 11.67 -12.82 -20.46
CA SER B 178 12.22 -11.81 -21.37
C SER B 178 11.39 -11.62 -22.64
N ASP B 179 10.75 -12.69 -23.10
CA ASP B 179 9.98 -12.63 -24.33
C ASP B 179 8.88 -13.69 -24.32
N VAL B 180 7.92 -13.51 -23.43
CA VAL B 180 6.77 -14.39 -23.35
C VAL B 180 5.51 -13.64 -23.78
N GLU B 181 4.58 -14.35 -24.39
CA GLU B 181 3.32 -13.75 -24.82
C GLU B 181 2.37 -13.54 -23.64
N LEU B 182 1.75 -12.36 -23.61
CA LEU B 182 0.71 -12.00 -22.67
C LEU B 182 -0.58 -11.74 -23.45
N ARG B 183 -1.68 -12.34 -23.03
CA ARG B 183 -2.95 -12.08 -23.71
C ARG B 183 -4.13 -12.14 -22.76
N THR B 184 -5.14 -11.33 -23.06
CA THR B 184 -6.35 -11.22 -22.23
C THR B 184 -7.54 -11.61 -23.08
N GLU B 185 -8.39 -12.47 -22.56
CA GLU B 185 -9.65 -12.76 -23.27
C GLU B 185 -10.83 -12.42 -22.38
N VAL B 186 -11.85 -11.84 -23.00
CA VAL B 186 -13.13 -11.60 -22.37
C VAL B 186 -14.19 -12.48 -23.03
N ASN B 187 -14.77 -13.40 -22.26
CA ASN B 187 -15.74 -14.37 -22.77
C ASN B 187 -15.24 -15.14 -23.98
N GLY B 188 -13.94 -15.45 -23.99
CA GLY B 188 -13.35 -16.22 -25.08
C GLY B 188 -12.80 -15.36 -26.19
N GLN B 189 -12.99 -14.05 -26.08
CA GLN B 189 -12.64 -13.11 -27.14
C GLN B 189 -11.36 -12.36 -26.80
N VAL B 190 -10.33 -12.50 -27.63
CA VAL B 190 -9.05 -11.86 -27.36
C VAL B 190 -9.14 -10.35 -27.45
N ARG B 191 -8.68 -9.66 -26.41
CA ARG B 191 -8.78 -8.20 -26.39
C ARG B 191 -7.43 -7.54 -26.16
N GLN B 192 -6.53 -8.25 -25.50
CA GLN B 192 -5.16 -7.79 -25.39
C GLN B 192 -4.21 -8.87 -25.86
N ARG B 193 -3.16 -8.47 -26.58
CA ARG B 193 -2.14 -9.41 -27.02
C ARG B 193 -0.83 -8.68 -27.27
N SER B 194 0.20 -9.03 -26.50
CA SER B 194 1.53 -8.47 -26.74
C SER B 194 2.57 -9.44 -26.24
N ARG B 195 3.83 -9.06 -26.36
CA ARG B 195 4.90 -9.87 -25.79
C ARG B 195 5.72 -9.01 -24.85
N THR B 196 6.30 -9.62 -23.83
CA THR B 196 7.09 -8.85 -22.86
C THR B 196 8.38 -8.33 -23.47
N SER B 197 8.66 -8.72 -24.71
CA SER B 197 9.84 -8.16 -25.38
C SER B 197 9.62 -6.69 -25.71
N LEU B 198 8.37 -6.25 -25.56
CA LEU B 198 7.98 -4.87 -25.90
C LEU B 198 7.84 -4.00 -24.68
N LEU B 199 8.20 -4.54 -23.52
CA LEU B 199 8.25 -3.75 -22.29
C LEU B 199 9.17 -2.54 -22.47
N LEU B 200 8.65 -1.36 -22.18
CA LEU B 200 9.45 -0.15 -22.25
C LEU B 200 10.52 -0.16 -21.14
N HIS B 201 10.09 -0.46 -19.92
CA HIS B 201 11.02 -0.68 -18.82
C HIS B 201 10.98 -2.15 -18.48
N ASP B 202 12.09 -2.85 -18.66
CA ASP B 202 12.11 -4.29 -18.46
C ASP B 202 12.07 -4.63 -16.97
N ILE B 203 12.11 -5.91 -16.68
CA ILE B 203 11.92 -6.42 -15.33
CA ILE B 203 11.89 -6.37 -15.32
C ILE B 203 12.96 -5.85 -14.35
N GLY B 204 14.21 -5.84 -14.79
CA GLY B 204 15.28 -5.35 -13.94
C GLY B 204 15.20 -3.86 -13.70
N ARG B 205 14.82 -3.10 -14.72
CA ARG B 205 14.66 -1.66 -14.59
C ARG B 205 13.55 -1.34 -13.61
N LEU B 206 12.46 -2.08 -13.68
CA LEU B 206 11.33 -1.84 -12.78
C LEU B 206 11.72 -2.14 -11.33
N VAL B 207 12.44 -3.22 -11.10
CA VAL B 207 12.89 -3.59 -9.76
C VAL B 207 13.93 -2.59 -9.26
N GLU B 208 14.81 -2.15 -10.16
CA GLU B 208 15.76 -1.09 -9.83
C GLU B 208 15.06 0.22 -9.44
N TRP B 209 14.09 0.65 -10.25
CA TRP B 209 13.37 1.90 -10.00
C TRP B 209 12.60 1.82 -8.69
N THR B 210 11.95 0.69 -8.46
CA THR B 210 11.06 0.55 -7.31
C THR B 210 11.83 0.37 -6.01
N SER B 211 12.89 -0.43 -6.03
CA SER B 211 13.68 -0.63 -4.82
C SER B 211 14.58 0.57 -4.50
N ALA B 212 14.74 1.51 -5.44
CA ALA B 212 15.45 2.75 -5.13
C ALA B 212 14.56 3.66 -4.29
N VAL B 213 13.25 3.53 -4.50
CA VAL B 213 12.26 4.31 -3.77
C VAL B 213 11.95 3.72 -2.39
N MET B 214 11.65 2.44 -2.35
CA MET B 214 11.11 1.80 -1.15
C MET B 214 11.68 0.40 -0.93
N THR B 215 11.76 0.00 0.34
CA THR B 215 12.19 -1.34 0.70
C THR B 215 11.16 -2.33 0.18
N LEU B 216 11.63 -3.34 -0.57
CA LEU B 216 10.75 -4.42 -1.04
C LEU B 216 10.90 -5.65 -0.16
N LEU B 217 9.76 -6.22 0.24
CA LEU B 217 9.72 -7.37 1.15
C LEU B 217 9.34 -8.63 0.41
N PRO B 218 9.77 -9.80 0.93
CA PRO B 218 9.36 -11.08 0.36
C PRO B 218 7.84 -11.14 0.23
N GLY B 219 7.35 -11.49 -0.95
CA GLY B 219 5.91 -11.53 -1.17
C GLY B 219 5.39 -10.31 -1.92
N ASP B 220 6.08 -9.18 -1.83
CA ASP B 220 5.58 -8.01 -2.56
C ASP B 220 5.48 -8.28 -4.05
N VAL B 221 4.51 -7.63 -4.69
CA VAL B 221 4.21 -7.82 -6.10
C VAL B 221 4.47 -6.53 -6.88
N ILE B 222 5.12 -6.67 -8.03
CA ILE B 222 5.27 -5.56 -8.96
C ILE B 222 4.57 -5.95 -10.26
N LEU B 223 3.49 -5.25 -10.60
CA LEU B 223 2.81 -5.48 -11.87
C LEU B 223 3.54 -4.69 -12.93
N THR B 224 3.86 -5.33 -14.05
CA THR B 224 4.80 -4.75 -15.02
C THR B 224 4.13 -3.99 -16.15
N GLY B 225 2.83 -3.79 -16.04
CA GLY B 225 2.17 -2.92 -16.98
C GLY B 225 1.31 -3.72 -17.94
N THR B 226 0.53 -3.01 -18.74
CA THR B 226 -0.39 -3.69 -19.63
C THR B 226 -0.29 -3.08 -21.03
N PRO B 227 -0.41 -3.92 -22.07
CA PRO B 227 -0.35 -3.41 -23.44
C PRO B 227 -1.67 -2.80 -23.86
N GLU B 228 -1.79 -2.44 -25.13
CA GLU B 228 -3.04 -1.87 -25.64
C GLU B 228 -4.20 -2.87 -25.55
N GLY B 229 -5.43 -2.38 -25.68
CA GLY B 229 -6.58 -3.24 -25.71
C GLY B 229 -7.37 -3.30 -24.43
N VAL B 230 -6.96 -2.52 -23.43
CA VAL B 230 -7.73 -2.44 -22.20
C VAL B 230 -9.17 -2.09 -22.56
N GLY B 231 -10.10 -2.76 -21.89
CA GLY B 231 -11.50 -2.64 -22.26
C GLY B 231 -12.41 -2.96 -21.11
N PRO B 232 -13.71 -2.70 -21.27
CA PRO B 232 -14.64 -2.85 -20.16
C PRO B 232 -14.95 -4.31 -19.82
N ILE B 233 -15.34 -4.51 -18.57
CA ILE B 233 -15.87 -5.78 -18.11
C ILE B 233 -17.20 -5.50 -17.39
N GLU B 234 -18.18 -6.37 -17.62
CA GLU B 234 -19.52 -6.16 -17.08
C GLU B 234 -20.02 -7.39 -16.36
N ASP B 235 -21.08 -7.21 -15.58
CA ASP B 235 -21.73 -8.32 -14.85
C ASP B 235 -21.95 -9.54 -15.76
N GLY B 236 -21.44 -10.70 -15.34
CA GLY B 236 -21.59 -11.93 -16.10
C GLY B 236 -20.45 -12.25 -17.04
N ASP B 237 -19.48 -11.34 -17.18
CA ASP B 237 -18.29 -11.63 -17.99
C ASP B 237 -17.34 -12.59 -17.29
N THR B 238 -16.46 -13.19 -18.09
CA THR B 238 -15.32 -13.93 -17.56
C THR B 238 -14.08 -13.35 -18.23
N VAL B 239 -13.09 -13.00 -17.43
CA VAL B 239 -11.84 -12.48 -17.95
C VAL B 239 -10.74 -13.51 -17.73
N SER B 240 -10.02 -13.84 -18.79
CA SER B 240 -8.93 -14.80 -18.70
C SER B 240 -7.63 -14.23 -19.26
N ILE B 241 -6.60 -14.18 -18.41
CA ILE B 241 -5.30 -13.66 -18.81
C ILE B 241 -4.30 -14.80 -18.84
N THR B 242 -3.67 -14.96 -19.98
CA THR B 242 -2.74 -16.05 -20.18
C THR B 242 -1.36 -15.51 -20.42
N VAL B 243 -0.40 -16.02 -19.66
CA VAL B 243 0.99 -15.72 -19.95
C VAL B 243 1.70 -16.98 -20.34
N GLU B 244 2.43 -16.90 -21.45
CA GLU B 244 3.21 -18.00 -21.95
C GLU B 244 4.18 -18.50 -20.89
N GLY B 245 4.10 -19.79 -20.58
CA GLY B 245 5.05 -20.41 -19.67
C GLY B 245 4.65 -20.28 -18.22
N ILE B 246 3.52 -19.62 -17.97
CA ILE B 246 2.96 -19.54 -16.62
C ILE B 246 1.65 -20.30 -16.56
N GLY B 247 0.67 -19.78 -17.29
CA GLY B 247 -0.65 -20.41 -17.36
C GLY B 247 -1.71 -19.36 -17.56
N THR B 248 -2.88 -19.57 -16.96
CA THR B 248 -4.01 -18.68 -17.20
C THR B 248 -4.69 -18.30 -15.89
N LEU B 249 -4.92 -17.00 -15.72
CA LEU B 249 -5.64 -16.45 -14.57
C LEU B 249 -7.05 -16.08 -15.01
N THR B 250 -8.05 -16.74 -14.43
CA THR B 250 -9.45 -16.56 -14.81
C THR B 250 -10.31 -16.06 -13.63
N ASN B 251 -11.13 -15.03 -13.87
CA ASN B 251 -12.07 -14.53 -12.87
C ASN B 251 -13.40 -14.19 -13.49
N PRO B 252 -14.50 -14.60 -12.83
CA PRO B 252 -15.79 -14.12 -13.28
C PRO B 252 -15.97 -12.68 -12.79
N VAL B 253 -17.01 -12.02 -13.29
CA VAL B 253 -17.28 -10.62 -12.97
C VAL B 253 -18.73 -10.44 -12.58
N VAL B 254 -18.97 -9.73 -11.48
CA VAL B 254 -20.31 -9.45 -10.99
C VAL B 254 -20.41 -7.98 -10.64
N ARG B 255 -21.53 -7.32 -10.97
CA ARG B 255 -21.71 -5.96 -10.49
C ARG B 255 -22.58 -5.94 -9.23
N LYS B 256 -22.15 -5.13 -8.27
CA LYS B 256 -22.83 -4.98 -6.99
C LYS B 256 -24.13 -4.20 -7.16
N GLY B 257 -25.11 -4.52 -6.32
CA GLY B 257 -26.39 -3.85 -6.37
C GLY B 257 -26.28 -2.39 -5.96
N LYS B 258 -27.32 -1.62 -6.28
CA LYS B 258 -27.32 -0.19 -5.96
C LYS B 258 -27.99 0.07 -4.61
NA NA C . -0.86 14.93 2.76
NA NA D . -13.41 6.37 18.64
#